data_2L94
#
_entry.id   2L94
#
loop_
_entity.id
_entity.type
_entity.pdbx_description
1 polymer RNA_(45-MER)
2 non-polymer "N'-{(Z)-amino[4-(amino{[3-(dimethylammonio)propyl]iminio}methyl)phenyl]methylidene}-N,N-dimethylpropane-1,3-diaminium"
#
_entity_poly.entity_id   1
_entity_poly.type   'polyribonucleotide'
_entity_poly.pdbx_seq_one_letter_code
;GGGAAGAUCUGGCCUUCCCACAAGGGAAGGCCAGGGAAUCUUCCC
;
_entity_poly.pdbx_strand_id   A
#